data_3FPK
#
_entry.id   3FPK
#
_cell.length_a   69.423
_cell.length_b   69.989
_cell.length_c   109.630
_cell.angle_alpha   90.00
_cell.angle_beta   90.00
_cell.angle_gamma   90.00
#
_symmetry.space_group_name_H-M   'P 21 21 21'
#
loop_
_entity.id
_entity.type
_entity.pdbx_description
1 polymer 'Ferredoxin-NADP reductase'
2 non-polymer 'FLAVIN-ADENINE DINUCLEOTIDE'
3 non-polymer 'MAGNESIUM ION'
4 non-polymer 'CALCIUM ION'
5 water water
#
_entity_poly.entity_id   1
_entity_poly.type   'polypeptide(L)'
_entity_poly.pdbx_seq_one_letter_code
;SNAMADWVTGKVTKVQNWTDALFSLTVHAPINPFTAGQFTKLGLEIDGERVQRAYSYVNAPDNPNLEFYLVTVPQGKLSP
RLAALKPGDEVQVVSDASGFFVLDEVPDCETLWMLATGTAIGPYLSILQYGQDVARFKNLVLVHAARFAADLSYLPLMLE
LQQRYEGKLRIQTVVSRENVPGSLTGRVPALIENGELEKAVGLPMDKETSHVMLCGNPQMVRDTQQLLKETRQMTKHLRR
RPGHMTAEHYW
;
_entity_poly.pdbx_strand_id   A,B
#
# COMPACT_ATOMS: atom_id res chain seq x y z
N ALA A 5 13.43 33.98 -12.63
CA ALA A 5 12.59 32.75 -12.47
C ALA A 5 11.16 33.04 -12.89
N ASP A 6 10.94 33.19 -14.18
N ASP A 6 10.96 33.16 -14.20
CA ASP A 6 9.60 33.49 -14.66
CA ASP A 6 9.65 33.40 -14.77
C ASP A 6 8.71 32.25 -14.47
C ASP A 6 8.72 32.23 -14.50
N TRP A 7 7.43 32.53 -14.50
CA TRP A 7 6.46 31.60 -14.03
C TRP A 7 5.36 31.56 -15.05
N VAL A 8 4.52 30.53 -14.91
CA VAL A 8 3.30 30.44 -15.69
C VAL A 8 2.14 30.15 -14.77
N THR A 9 0.93 30.33 -15.28
CA THR A 9 -0.27 30.02 -14.52
C THR A 9 -0.67 28.56 -14.70
N GLY A 10 -0.71 27.84 -13.58
CA GLY A 10 -1.24 26.50 -13.53
C GLY A 10 -2.70 26.52 -13.16
N LYS A 11 -3.43 25.50 -13.58
CA LYS A 11 -4.79 25.28 -13.17
C LYS A 11 -4.86 23.93 -12.49
N VAL A 12 -5.47 23.91 -11.31
CA VAL A 12 -5.67 22.70 -10.53
C VAL A 12 -6.78 21.88 -11.19
N THR A 13 -6.51 20.62 -11.43
CA THR A 13 -7.47 19.73 -12.03
C THR A 13 -7.97 18.68 -11.04
N LYS A 14 -7.20 18.38 -10.00
CA LYS A 14 -7.63 17.41 -9.00
C LYS A 14 -6.98 17.70 -7.65
N VAL A 15 -7.73 17.48 -6.58
CA VAL A 15 -7.17 17.53 -5.23
C VAL A 15 -7.53 16.20 -4.57
N GLN A 16 -6.52 15.46 -4.10
CA GLN A 16 -6.75 14.17 -3.46
C GLN A 16 -6.34 14.34 -1.98
N ASN A 17 -7.29 14.27 -1.05
CA ASN A 17 -6.95 14.35 0.37
C ASN A 17 -6.77 13.00 0.97
N TRP A 18 -5.51 12.66 1.23
CA TRP A 18 -5.17 11.36 1.74
C TRP A 18 -5.48 11.20 3.21
N THR A 19 -5.17 12.25 3.99
CA THR A 19 -5.35 12.28 5.44
C THR A 19 -5.75 13.73 5.80
N ASP A 20 -5.94 14.01 7.10
CA ASP A 20 -6.18 15.42 7.47
C ASP A 20 -5.06 16.37 7.01
N ALA A 21 -3.84 15.87 6.95
CA ALA A 21 -2.69 16.73 6.64
C ALA A 21 -2.11 16.52 5.25
N LEU A 22 -2.33 15.34 4.65
CA LEU A 22 -1.68 15.01 3.42
C LEU A 22 -2.64 15.13 2.25
N PHE A 23 -2.14 15.74 1.19
CA PHE A 23 -2.90 15.84 -0.05
C PHE A 23 -2.02 15.81 -1.30
N SER A 24 -2.61 15.42 -2.43
CA SER A 24 -1.89 15.55 -3.70
C SER A 24 -2.65 16.47 -4.63
N LEU A 25 -1.95 17.44 -5.20
CA LEU A 25 -2.53 18.32 -6.23
C LEU A 25 -2.17 17.79 -7.61
N THR A 26 -3.12 17.88 -8.55
CA THR A 26 -2.79 17.61 -9.93
C THR A 26 -3.08 18.93 -10.65
N VAL A 27 -2.15 19.35 -11.51
CA VAL A 27 -2.15 20.71 -12.10
C VAL A 27 -1.82 20.58 -13.59
N HIS A 28 -2.48 21.38 -14.44
CA HIS A 28 -2.01 21.54 -15.81
C HIS A 28 -1.39 22.94 -15.93
N ALA A 29 -0.14 22.97 -16.39
CA ALA A 29 0.53 24.27 -16.58
C ALA A 29 1.55 24.17 -17.70
N PRO A 30 1.76 25.27 -18.45
CA PRO A 30 2.66 25.27 -19.60
C PRO A 30 4.11 25.51 -19.16
N ILE A 31 4.60 24.56 -18.34
CA ILE A 31 5.97 24.52 -17.91
C ILE A 31 6.89 24.06 -19.05
N ASN A 32 8.19 24.28 -18.90
CA ASN A 32 9.17 23.73 -19.85
C ASN A 32 9.42 22.30 -19.46
N PRO A 33 10.12 21.52 -20.32
CA PRO A 33 10.42 20.14 -19.95
C PRO A 33 11.34 20.08 -18.70
N PHE A 34 11.15 19.06 -17.87
CA PHE A 34 11.98 18.90 -16.68
C PHE A 34 12.59 17.52 -16.61
N THR A 35 13.50 17.34 -15.67
CA THR A 35 14.15 16.07 -15.48
C THR A 35 13.54 15.40 -14.26
N ALA A 36 13.29 14.09 -14.36
CA ALA A 36 12.71 13.33 -13.26
C ALA A 36 13.59 13.44 -12.02
N GLY A 37 12.96 13.84 -10.92
CA GLY A 37 13.62 14.10 -9.65
C GLY A 37 13.70 15.60 -9.31
N GLN A 38 13.49 16.44 -10.29
CA GLN A 38 13.55 17.90 -10.07
C GLN A 38 12.28 18.45 -9.41
N PHE A 39 12.37 19.69 -8.96
CA PHE A 39 11.23 20.39 -8.33
C PHE A 39 10.94 21.73 -9.02
N THR A 40 9.77 22.29 -8.76
CA THR A 40 9.49 23.64 -9.19
C THR A 40 9.14 24.44 -7.94
N LYS A 41 8.68 25.68 -8.12
CA LYS A 41 8.10 26.39 -7.00
C LYS A 41 6.64 26.69 -7.31
N LEU A 42 5.77 26.39 -6.35
CA LEU A 42 4.36 26.77 -6.44
C LEU A 42 4.13 28.02 -5.62
N GLY A 43 3.27 28.91 -6.09
CA GLY A 43 3.09 30.20 -5.47
C GLY A 43 1.65 30.68 -5.43
N LEU A 44 1.30 31.30 -4.30
CA LEU A 44 0.00 32.02 -4.21
C LEU A 44 0.25 33.39 -3.60
N GLU A 45 -0.73 34.28 -3.77
CA GLU A 45 -0.69 35.62 -3.13
C GLU A 45 -1.25 35.49 -1.71
N ILE A 46 -0.46 35.88 -0.73
CA ILE A 46 -0.86 35.81 0.65
C ILE A 46 -0.63 37.18 1.27
N ASP A 47 -1.69 37.74 1.83
CA ASP A 47 -1.63 39.04 2.49
C ASP A 47 -0.99 40.09 1.58
N GLY A 48 -1.35 40.04 0.31
CA GLY A 48 -0.89 41.03 -0.63
C GLY A 48 0.47 40.84 -1.24
N GLU A 49 1.12 39.71 -0.91
N GLU A 49 1.16 39.74 -0.89
CA GLU A 49 2.48 39.44 -1.37
CA GLU A 49 2.48 39.48 -1.44
C GLU A 49 2.57 38.04 -1.97
C GLU A 49 2.56 38.06 -1.99
N ARG A 50 3.43 37.87 -2.98
CA ARG A 50 3.65 36.56 -3.57
C ARG A 50 4.49 35.69 -2.65
N VAL A 51 3.99 34.50 -2.36
CA VAL A 51 4.74 33.56 -1.53
C VAL A 51 4.89 32.29 -2.37
N GLN A 52 6.08 31.71 -2.40
CA GLN A 52 6.27 30.45 -3.12
C GLN A 52 7.17 29.53 -2.32
N ARG A 53 7.10 28.22 -2.64
CA ARG A 53 7.93 27.19 -1.96
C ARG A 53 8.27 26.11 -2.97
N ALA A 54 9.37 25.37 -2.73
CA ALA A 54 9.72 24.28 -3.64
C ALA A 54 8.84 23.06 -3.42
N TYR A 55 8.41 22.44 -4.52
CA TYR A 55 7.66 21.13 -4.46
C TYR A 55 8.16 20.20 -5.55
N SER A 56 8.49 18.96 -5.24
CA SER A 56 8.99 18.04 -6.25
C SER A 56 7.87 17.49 -7.16
N TYR A 57 8.19 17.28 -8.45
CA TYR A 57 7.26 16.57 -9.31
C TYR A 57 7.15 15.10 -8.93
N VAL A 58 5.94 14.61 -8.78
CA VAL A 58 5.70 13.18 -8.55
C VAL A 58 5.52 12.44 -9.90
N ASN A 59 4.94 13.14 -10.87
CA ASN A 59 4.74 12.57 -12.20
C ASN A 59 6.07 12.41 -12.99
N ALA A 60 6.15 11.38 -13.82
CA ALA A 60 7.17 11.32 -14.88
C ALA A 60 7.10 12.56 -15.77
N PRO A 61 8.26 12.99 -16.33
CA PRO A 61 8.29 14.28 -17.04
C PRO A 61 7.46 14.29 -18.32
N ASP A 62 7.19 13.10 -18.86
CA ASP A 62 6.48 12.96 -20.11
C ASP A 62 4.98 12.83 -19.84
N ASN A 63 4.59 12.94 -18.57
CA ASN A 63 3.17 12.93 -18.18
C ASN A 63 2.71 14.34 -17.85
N PRO A 64 1.76 14.89 -18.63
CA PRO A 64 1.41 16.31 -18.46
C PRO A 64 0.53 16.58 -17.24
N ASN A 65 0.16 15.53 -16.52
CA ASN A 65 -0.62 15.68 -15.31
C ASN A 65 0.37 15.92 -14.20
N LEU A 66 0.74 17.20 -14.01
CA LEU A 66 1.71 17.55 -12.97
C LEU A 66 1.14 17.21 -11.61
N GLU A 67 1.94 16.53 -10.79
CA GLU A 67 1.41 16.05 -9.52
C GLU A 67 2.38 16.36 -8.39
N PHE A 68 1.84 16.85 -7.29
CA PHE A 68 2.66 17.27 -6.14
C PHE A 68 2.06 16.65 -4.91
N TYR A 69 2.91 16.07 -4.10
CA TYR A 69 2.45 15.44 -2.86
C TYR A 69 2.91 16.31 -1.70
N LEU A 70 1.94 16.85 -0.96
CA LEU A 70 2.20 17.84 0.08
C LEU A 70 1.69 17.46 1.47
N VAL A 71 2.37 17.99 2.49
CA VAL A 71 1.83 17.91 3.81
C VAL A 71 1.50 19.33 4.31
N THR A 72 0.37 19.50 4.96
CA THR A 72 -0.01 20.79 5.58
C THR A 72 0.82 20.98 6.83
N VAL A 73 1.78 21.90 6.78
CA VAL A 73 2.63 22.22 7.95
C VAL A 73 1.85 23.13 8.86
N PRO A 74 1.66 22.72 10.13
CA PRO A 74 1.00 23.59 11.04
C PRO A 74 1.81 24.88 11.23
N GLN A 75 1.06 25.95 11.20
CA GLN A 75 1.58 27.32 11.24
C GLN A 75 2.35 27.71 10.00
N GLY A 76 2.37 26.83 8.99
CA GLY A 76 3.10 27.13 7.73
C GLY A 76 2.41 28.27 6.98
N LYS A 77 3.19 29.03 6.24
N LYS A 77 3.18 29.06 6.24
CA LYS A 77 2.67 30.15 5.45
CA LYS A 77 2.58 30.15 5.47
C LYS A 77 1.87 29.65 4.25
C LYS A 77 1.83 29.63 4.24
N LEU A 78 2.52 28.90 3.39
CA LEU A 78 1.92 28.50 2.10
C LEU A 78 1.15 27.18 2.09
N SER A 79 1.68 26.15 2.73
CA SER A 79 1.02 24.82 2.61
C SER A 79 -0.47 24.78 2.95
N PRO A 80 -0.93 25.49 4.00
CA PRO A 80 -2.38 25.49 4.29
C PRO A 80 -3.16 26.16 3.19
N ARG A 81 -2.58 27.14 2.51
CA ARG A 81 -3.28 27.81 1.43
C ARG A 81 -3.35 26.90 0.18
N LEU A 82 -2.29 26.15 -0.08
CA LEU A 82 -2.28 25.15 -1.17
C LEU A 82 -3.33 24.07 -0.82
N ALA A 83 -3.46 23.76 0.49
CA ALA A 83 -4.39 22.72 0.94
C ALA A 83 -5.83 23.13 0.68
N ALA A 84 -6.06 24.43 0.54
CA ALA A 84 -7.40 24.98 0.34
C ALA A 84 -7.77 25.08 -1.16
N LEU A 85 -6.83 24.77 -2.06
CA LEU A 85 -7.13 24.84 -3.52
C LEU A 85 -8.17 23.81 -3.90
N LYS A 86 -9.00 24.16 -4.88
CA LYS A 86 -10.07 23.29 -5.42
C LYS A 86 -9.82 23.16 -6.91
N PRO A 87 -10.32 22.07 -7.53
CA PRO A 87 -10.25 21.99 -9.00
C PRO A 87 -10.77 23.23 -9.70
N GLY A 88 -10.01 23.72 -10.68
CA GLY A 88 -10.35 25.00 -11.32
C GLY A 88 -9.63 26.21 -10.80
N ASP A 89 -9.05 26.11 -9.60
CA ASP A 89 -8.25 27.21 -9.06
C ASP A 89 -6.91 27.37 -9.79
N GLU A 90 -6.38 28.57 -9.75
CA GLU A 90 -5.06 28.86 -10.32
C GLU A 90 -4.00 28.76 -9.26
N VAL A 91 -2.79 28.43 -9.69
CA VAL A 91 -1.63 28.48 -8.82
C VAL A 91 -0.44 28.81 -9.70
N GLN A 92 0.48 29.62 -9.18
CA GLN A 92 1.62 30.06 -9.98
C GLN A 92 2.65 28.92 -9.98
N VAL A 93 3.25 28.61 -11.14
CA VAL A 93 4.22 27.51 -11.26
C VAL A 93 5.46 28.06 -11.96
N VAL A 94 6.62 27.92 -11.33
CA VAL A 94 7.89 28.35 -11.94
C VAL A 94 8.19 27.45 -13.18
N SER A 95 8.42 28.07 -14.34
N SER A 95 8.54 28.10 -14.29
CA SER A 95 8.36 27.27 -15.58
CA SER A 95 8.69 27.43 -15.59
C SER A 95 9.58 26.40 -15.86
C SER A 95 9.93 26.53 -15.70
N ASP A 96 10.75 26.77 -15.30
N ASP A 96 11.05 26.93 -15.09
CA ASP A 96 11.93 25.91 -15.38
CA ASP A 96 12.27 26.15 -15.18
C ASP A 96 12.23 25.29 -14.04
C ASP A 96 12.33 25.30 -13.93
N ALA A 97 12.28 23.97 -14.08
CA ALA A 97 12.51 23.13 -12.92
C ALA A 97 13.94 23.30 -12.40
N SER A 98 14.17 22.90 -11.16
CA SER A 98 15.46 23.05 -10.51
C SER A 98 15.83 21.76 -9.84
N GLY A 99 17.13 21.62 -9.54
CA GLY A 99 17.54 20.53 -8.65
C GLY A 99 18.46 19.52 -9.29
N PHE A 100 19.32 18.94 -8.47
CA PHE A 100 20.30 17.95 -8.94
C PHE A 100 20.04 16.56 -8.41
N PHE A 101 18.83 16.34 -7.90
CA PHE A 101 18.51 15.01 -7.30
C PHE A 101 17.98 14.15 -8.44
N VAL A 102 18.87 13.82 -9.37
CA VAL A 102 18.44 13.23 -10.65
C VAL A 102 19.44 12.13 -11.07
N LEU A 103 18.97 11.21 -11.92
CA LEU A 103 19.80 10.05 -12.27
C LEU A 103 21.08 10.48 -12.94
N ASP A 104 21.01 11.61 -13.67
CA ASP A 104 22.19 12.21 -14.29
C ASP A 104 23.38 12.40 -13.36
N GLU A 105 23.10 12.54 -12.08
CA GLU A 105 24.12 12.87 -11.10
C GLU A 105 24.43 11.68 -10.22
N VAL A 106 23.81 10.56 -10.55
CA VAL A 106 24.00 9.33 -9.75
C VAL A 106 24.95 8.39 -10.47
N PRO A 107 26.06 8.00 -9.82
CA PRO A 107 27.05 7.11 -10.48
C PRO A 107 26.54 5.70 -10.60
N ASP A 108 27.05 4.98 -11.60
CA ASP A 108 26.81 3.53 -11.70
C ASP A 108 27.08 2.81 -10.37
N CYS A 109 26.23 1.84 -10.04
CA CYS A 109 26.43 1.02 -8.86
C CYS A 109 25.64 -0.25 -9.10
N GLU A 110 25.89 -1.27 -8.29
CA GLU A 110 25.06 -2.47 -8.35
C GLU A 110 23.65 -2.23 -7.83
N THR A 111 23.56 -1.61 -6.65
CA THR A 111 22.26 -1.35 -6.03
C THR A 111 22.06 0.12 -5.75
N LEU A 112 21.01 0.67 -6.33
CA LEU A 112 20.57 2.03 -6.03
C LEU A 112 19.47 2.03 -4.97
N TRP A 113 19.81 2.56 -3.79
CA TRP A 113 18.86 2.71 -2.66
C TRP A 113 18.28 4.12 -2.67
N MET A 114 16.96 4.20 -2.52
CA MET A 114 16.24 5.46 -2.55
C MET A 114 15.42 5.50 -1.25
N LEU A 115 15.87 6.35 -0.34
CA LEU A 115 15.26 6.57 1.00
C LEU A 115 14.55 7.89 1.05
N ALA A 116 13.27 7.87 1.49
CA ALA A 116 12.41 9.05 1.63
C ALA A 116 11.60 8.98 2.90
N THR A 117 11.44 10.13 3.51
CA THR A 117 10.46 10.31 4.57
C THR A 117 9.26 11.09 4.05
N GLY A 118 8.05 10.70 4.49
CA GLY A 118 6.86 11.54 4.32
C GLY A 118 6.59 11.93 2.87
N THR A 119 6.47 13.23 2.60
CA THR A 119 6.12 13.58 1.22
C THR A 119 7.34 13.58 0.28
N ALA A 120 8.52 13.29 0.81
CA ALA A 120 9.75 13.29 0.02
C ALA A 120 9.93 12.05 -0.88
N ILE A 121 8.92 11.19 -0.93
CA ILE A 121 8.91 10.09 -1.88
C ILE A 121 8.77 10.56 -3.33
N GLY A 122 8.22 11.76 -3.55
CA GLY A 122 7.92 12.28 -4.90
C GLY A 122 8.94 12.10 -5.99
N PRO A 123 10.19 12.60 -5.78
CA PRO A 123 11.25 12.50 -6.80
C PRO A 123 11.55 11.04 -7.23
N TYR A 124 11.50 10.08 -6.30
CA TYR A 124 11.66 8.67 -6.69
C TYR A 124 10.51 8.14 -7.51
N LEU A 125 9.29 8.63 -7.22
CA LEU A 125 8.14 8.19 -8.02
C LEU A 125 8.24 8.73 -9.46
N SER A 126 8.69 9.98 -9.60
CA SER A 126 8.91 10.57 -10.96
C SER A 126 9.92 9.72 -11.73
N ILE A 127 11.06 9.48 -11.10
CA ILE A 127 12.13 8.67 -11.66
C ILE A 127 11.70 7.23 -12.03
N LEU A 128 11.05 6.56 -11.10
CA LEU A 128 10.61 5.17 -11.32
C LEU A 128 9.45 5.05 -12.32
N GLN A 129 8.53 6.02 -12.32
CA GLN A 129 7.47 5.94 -13.31
C GLN A 129 8.01 6.23 -14.71
N TYR A 130 9.00 7.13 -14.81
CA TYR A 130 9.59 7.47 -16.11
C TYR A 130 10.33 6.24 -16.64
N GLY A 131 11.19 5.69 -15.81
CA GLY A 131 11.78 4.37 -16.06
C GLY A 131 12.99 4.39 -16.99
N GLN A 132 13.53 5.59 -17.26
CA GLN A 132 14.68 5.71 -18.13
C GLN A 132 15.96 5.71 -17.33
N ASP A 133 17.07 5.33 -17.98
CA ASP A 133 18.40 5.39 -17.37
C ASP A 133 18.52 4.57 -16.09
N VAL A 134 17.84 3.41 -16.04
CA VAL A 134 17.97 2.55 -14.87
C VAL A 134 18.50 1.17 -15.23
N ALA A 135 18.68 0.92 -16.52
CA ALA A 135 19.21 -0.35 -16.97
C ALA A 135 20.60 -0.63 -16.41
N ARG A 136 21.37 0.42 -16.12
CA ARG A 136 22.76 0.31 -15.65
C ARG A 136 22.86 -0.13 -14.16
N PHE A 137 21.72 -0.20 -13.47
CA PHE A 137 21.69 -0.65 -12.05
C PHE A 137 21.14 -2.08 -12.02
N LYS A 138 21.76 -2.97 -11.25
CA LYS A 138 21.24 -4.34 -11.15
C LYS A 138 19.97 -4.37 -10.26
N ASN A 139 20.04 -3.65 -9.15
CA ASN A 139 18.94 -3.61 -8.17
C ASN A 139 18.48 -2.17 -7.92
N LEU A 140 17.17 -1.97 -7.73
CA LEU A 140 16.65 -0.72 -7.21
C LEU A 140 15.90 -0.97 -5.92
N VAL A 141 16.10 -0.09 -4.94
CA VAL A 141 15.37 -0.28 -3.65
C VAL A 141 14.75 1.02 -3.22
N LEU A 142 13.42 1.01 -3.05
CA LEU A 142 12.68 2.16 -2.59
C LEU A 142 12.21 1.93 -1.16
N VAL A 143 12.58 2.87 -0.29
CA VAL A 143 12.18 2.79 1.14
C VAL A 143 11.38 4.06 1.47
N HIS A 144 10.11 3.88 1.82
CA HIS A 144 9.27 4.99 2.25
C HIS A 144 9.03 4.84 3.74
N ALA A 145 9.52 5.82 4.49
CA ALA A 145 9.23 5.95 5.91
C ALA A 145 8.19 7.07 6.11
N ALA A 146 7.13 6.80 6.88
CA ALA A 146 6.17 7.83 7.31
C ALA A 146 5.75 7.57 8.76
N ARG A 147 5.02 8.48 9.38
CA ARG A 147 4.74 8.24 10.81
C ARG A 147 3.78 7.06 11.00
N PHE A 148 2.65 7.09 10.29
CA PHE A 148 1.64 6.03 10.45
C PHE A 148 1.49 5.30 9.11
N ALA A 149 1.01 4.05 9.19
CA ALA A 149 0.59 3.33 8.00
C ALA A 149 -0.38 4.14 7.14
N ALA A 150 -1.32 4.87 7.76
CA ALA A 150 -2.26 5.75 7.07
C ALA A 150 -1.62 6.83 6.19
N ASP A 151 -0.34 7.08 6.43
CA ASP A 151 0.41 8.13 5.72
C ASP A 151 1.14 7.60 4.49
N LEU A 152 1.00 6.30 4.20
CA LEU A 152 1.77 5.71 3.08
C LEU A 152 0.90 5.83 1.81
N SER A 153 0.84 7.03 1.23
CA SER A 153 -0.26 7.38 0.29
C SER A 153 -0.11 6.78 -1.08
N TYR A 154 1.11 6.33 -1.42
CA TYR A 154 1.34 5.86 -2.78
C TYR A 154 1.56 4.36 -2.84
N LEU A 155 1.03 3.61 -1.85
CA LEU A 155 1.14 2.13 -1.92
C LEU A 155 0.53 1.49 -3.18
N PRO A 156 -0.68 1.93 -3.63
CA PRO A 156 -1.19 1.34 -4.88
C PRO A 156 -0.25 1.57 -6.04
N LEU A 157 0.34 2.77 -6.17
CA LEU A 157 1.32 3.01 -7.25
C LEU A 157 2.53 2.16 -7.05
N MET A 158 2.93 2.01 -5.81
CA MET A 158 4.06 1.15 -5.52
C MET A 158 3.85 -0.35 -5.92
N LEU A 159 2.65 -0.89 -5.70
CA LEU A 159 2.29 -2.19 -6.23
C LEU A 159 2.41 -2.23 -7.75
N GLU A 160 1.96 -1.17 -8.43
CA GLU A 160 2.10 -1.11 -9.91
C GLU A 160 3.58 -1.13 -10.33
N LEU A 161 4.40 -0.33 -9.65
CA LEU A 161 5.82 -0.23 -10.01
C LEU A 161 6.52 -1.55 -9.74
N GLN A 162 6.20 -2.15 -8.60
CA GLN A 162 6.86 -3.40 -8.28
C GLN A 162 6.62 -4.44 -9.38
N GLN A 163 5.37 -4.53 -9.84
CA GLN A 163 5.02 -5.52 -10.87
C GLN A 163 5.74 -5.21 -12.19
N ARG A 164 5.74 -3.92 -12.53
CA ARG A 164 6.39 -3.44 -13.75
C ARG A 164 7.87 -3.85 -13.83
N TYR A 165 8.56 -3.76 -12.69
CA TYR A 165 10.00 -3.95 -12.64
C TYR A 165 10.35 -5.39 -12.43
N GLU A 166 9.34 -6.25 -12.23
CA GLU A 166 9.57 -7.72 -12.23
C GLU A 166 10.62 -8.23 -11.27
N GLY A 167 10.64 -7.67 -10.08
CA GLY A 167 11.56 -8.18 -9.04
C GLY A 167 12.81 -7.32 -8.94
N LYS A 168 13.09 -6.50 -9.96
CA LYS A 168 14.29 -5.64 -9.93
C LYS A 168 14.13 -4.54 -8.89
N LEU A 169 12.93 -3.98 -8.82
CA LEU A 169 12.61 -3.02 -7.78
C LEU A 169 12.01 -3.66 -6.54
N ARG A 170 12.69 -3.43 -5.42
CA ARG A 170 12.28 -3.94 -4.11
C ARG A 170 11.81 -2.73 -3.33
N ILE A 171 10.68 -2.89 -2.64
CA ILE A 171 10.08 -1.78 -1.90
C ILE A 171 9.84 -2.16 -0.45
N GLN A 172 10.17 -1.21 0.43
CA GLN A 172 9.96 -1.42 1.86
C GLN A 172 9.37 -0.19 2.51
N THR A 173 8.29 -0.36 3.27
CA THR A 173 7.75 0.73 4.00
C THR A 173 8.19 0.63 5.46
N VAL A 174 8.25 1.79 6.08
CA VAL A 174 8.66 1.93 7.48
C VAL A 174 7.66 2.86 8.16
N VAL A 175 7.23 2.48 9.36
CA VAL A 175 6.35 3.36 10.16
C VAL A 175 7.07 3.62 11.49
N SER A 176 6.70 4.70 12.17
CA SER A 176 7.47 5.16 13.31
C SER A 176 7.32 4.28 14.53
N ARG A 177 6.08 4.01 14.92
CA ARG A 177 5.84 3.27 16.18
C ARG A 177 4.81 2.16 16.10
N GLU A 178 3.87 2.28 15.18
CA GLU A 178 2.87 1.20 14.97
C GLU A 178 3.54 -0.14 14.61
N ASN A 179 2.81 -1.22 14.89
CA ASN A 179 3.17 -2.55 14.43
C ASN A 179 2.25 -2.82 13.29
N VAL A 180 2.81 -2.92 12.10
CA VAL A 180 1.99 -2.98 10.92
C VAL A 180 2.55 -4.14 10.10
N PRO A 181 1.73 -5.17 9.82
CA PRO A 181 2.19 -6.32 9.00
C PRO A 181 2.78 -5.85 7.67
N GLY A 182 4.01 -6.27 7.35
CA GLY A 182 4.62 -5.91 6.08
C GLY A 182 5.52 -4.69 6.15
N SER A 183 5.41 -3.89 7.23
CA SER A 183 6.24 -2.67 7.34
C SER A 183 7.24 -2.92 8.49
N LEU A 184 8.40 -2.24 8.44
CA LEU A 184 9.29 -2.16 9.58
C LEU A 184 8.88 -1.02 10.47
N THR A 185 9.31 -1.09 11.73
CA THR A 185 8.90 -0.08 12.71
C THR A 185 10.15 0.58 13.22
N GLY A 186 10.19 1.90 13.21
CA GLY A 186 11.31 2.64 13.81
C GLY A 186 11.97 3.64 12.88
N ARG A 187 13.17 4.08 13.26
N ARG A 187 13.17 4.09 13.27
CA ARG A 187 13.93 5.06 12.51
CA ARG A 187 13.90 5.10 12.51
C ARG A 187 14.75 4.43 11.40
C ARG A 187 14.76 4.46 11.42
N VAL A 188 14.74 5.04 10.23
CA VAL A 188 15.58 4.52 9.12
C VAL A 188 17.07 4.27 9.51
N PRO A 189 17.75 5.26 10.10
CA PRO A 189 19.13 5.03 10.51
C PRO A 189 19.27 3.85 11.48
N ALA A 190 18.33 3.74 12.42
CA ALA A 190 18.40 2.62 13.38
C ALA A 190 18.21 1.31 12.70
N LEU A 191 17.32 1.25 11.70
CA LEU A 191 17.03 0.01 10.98
C LEU A 191 18.19 -0.41 10.03
N ILE A 192 18.97 0.58 9.59
CA ILE A 192 20.18 0.30 8.85
C ILE A 192 21.21 -0.28 9.82
N GLU A 193 21.41 0.45 10.91
CA GLU A 193 22.42 0.07 11.90
C GLU A 193 22.22 -1.35 12.48
N ASN A 194 20.98 -1.72 12.75
CA ASN A 194 20.71 -3.02 13.37
C ASN A 194 20.55 -4.18 12.39
N GLY A 195 20.65 -3.87 11.09
CA GLY A 195 20.54 -4.88 10.05
C GLY A 195 19.13 -5.23 9.57
N GLU A 196 18.09 -4.62 10.14
CA GLU A 196 16.70 -5.05 9.87
C GLU A 196 16.30 -4.61 8.47
N LEU A 197 16.73 -3.42 8.04
CA LEU A 197 16.30 -2.93 6.74
C LEU A 197 16.90 -3.80 5.63
N GLU A 198 18.17 -4.15 5.77
CA GLU A 198 18.84 -4.94 4.79
C GLU A 198 18.34 -6.36 4.75
N LYS A 199 18.06 -6.93 5.93
CA LYS A 199 17.39 -8.22 6.00
C LYS A 199 16.01 -8.21 5.35
N ALA A 200 15.21 -7.19 5.62
CA ALA A 200 13.89 -7.09 5.01
C ALA A 200 13.99 -7.04 3.49
N VAL A 201 14.98 -6.29 3.00
CA VAL A 201 15.07 -6.05 1.55
C VAL A 201 15.71 -7.21 0.86
N GLY A 202 16.67 -7.79 1.57
CA GLY A 202 17.45 -8.92 1.09
C GLY A 202 18.66 -8.53 0.26
N LEU A 203 19.14 -7.29 0.45
CA LEU A 203 20.32 -6.73 -0.23
C LEU A 203 21.12 -5.91 0.79
N PRO A 204 22.47 -5.96 0.72
CA PRO A 204 23.32 -5.12 1.58
C PRO A 204 23.33 -3.63 1.15
N MET A 205 23.49 -2.73 2.12
CA MET A 205 23.85 -1.34 1.85
C MET A 205 25.32 -1.15 2.25
N ASP A 206 26.21 -1.06 1.27
CA ASP A 206 27.64 -0.96 1.59
C ASP A 206 28.38 -0.22 0.50
N LYS A 207 29.65 0.10 0.75
N LYS A 207 29.65 0.10 0.75
CA LYS A 207 30.42 0.90 -0.19
CA LYS A 207 30.39 0.91 -0.21
C LYS A 207 30.68 0.17 -1.51
C LYS A 207 30.74 0.17 -1.51
N GLU A 208 30.79 -1.16 -1.44
CA GLU A 208 31.11 -1.96 -2.64
C GLU A 208 29.95 -2.00 -3.64
N THR A 209 28.73 -2.05 -3.12
CA THR A 209 27.58 -2.36 -3.98
C THR A 209 26.60 -1.27 -4.23
N SER A 210 26.60 -0.26 -3.35
CA SER A 210 25.49 0.66 -3.27
C SER A 210 25.79 2.13 -3.60
N HIS A 211 24.75 2.82 -4.04
CA HIS A 211 24.68 4.27 -3.94
C HIS A 211 23.40 4.47 -3.15
N VAL A 212 23.37 5.51 -2.34
CA VAL A 212 22.22 5.77 -1.49
C VAL A 212 21.75 7.19 -1.75
N MET A 213 20.49 7.32 -2.14
CA MET A 213 19.83 8.63 -2.28
C MET A 213 19.02 8.84 -1.03
N LEU A 214 19.09 10.04 -0.47
CA LEU A 214 18.35 10.33 0.77
C LEU A 214 17.54 11.60 0.56
N CYS A 215 16.22 11.55 0.81
CA CYS A 215 15.36 12.67 0.51
C CYS A 215 14.38 12.94 1.71
N GLY A 216 14.23 14.21 2.11
CA GLY A 216 13.14 14.62 3.02
C GLY A 216 13.62 15.19 4.37
N ASN A 217 13.21 14.56 5.45
CA ASN A 217 13.54 15.06 6.83
C ASN A 217 15.06 15.17 7.08
N PRO A 218 15.55 16.38 7.41
CA PRO A 218 17.00 16.62 7.56
C PRO A 218 17.60 15.72 8.64
N GLN A 219 16.82 15.37 9.68
N GLN A 219 16.81 15.37 9.66
CA GLN A 219 17.32 14.49 10.74
CA GLN A 219 17.23 14.45 10.74
C GLN A 219 17.56 13.08 10.18
C GLN A 219 17.55 13.09 10.17
N MET A 220 16.62 12.57 9.38
CA MET A 220 16.80 11.28 8.74
C MET A 220 18.04 11.36 7.83
N VAL A 221 18.13 12.39 7.01
CA VAL A 221 19.25 12.52 6.07
C VAL A 221 20.59 12.60 6.83
N ARG A 222 20.69 13.55 7.78
CA ARG A 222 21.92 13.71 8.54
C ARG A 222 22.35 12.50 9.32
N ASP A 223 21.40 11.94 10.07
CA ASP A 223 21.72 10.78 10.92
C ASP A 223 22.14 9.59 10.07
N THR A 224 21.50 9.40 8.91
CA THR A 224 21.84 8.27 8.05
C THR A 224 23.19 8.46 7.42
N GLN A 225 23.46 9.66 6.93
CA GLN A 225 24.78 9.92 6.34
C GLN A 225 25.90 9.80 7.36
N GLN A 226 25.63 10.22 8.60
CA GLN A 226 26.67 10.14 9.62
C GLN A 226 26.96 8.67 9.94
N LEU A 227 25.90 7.88 10.04
CA LEU A 227 26.01 6.44 10.29
C LEU A 227 26.79 5.73 9.19
N LEU A 228 26.44 6.00 7.94
CA LEU A 228 27.09 5.33 6.82
C LEU A 228 28.56 5.77 6.69
N LYS A 229 28.83 7.04 6.98
CA LYS A 229 30.21 7.54 6.93
C LYS A 229 31.04 6.84 8.00
N GLU A 230 30.57 6.86 9.24
CA GLU A 230 31.35 6.35 10.34
C GLU A 230 31.46 4.83 10.40
N THR A 231 30.42 4.14 9.98
CA THR A 231 30.40 2.70 10.13
C THR A 231 30.63 1.91 8.87
N ARG A 232 30.37 2.51 7.70
CA ARG A 232 30.49 1.77 6.41
C ARG A 232 31.48 2.36 5.40
N GLN A 233 32.22 3.39 5.82
CA GLN A 233 33.20 4.09 5.00
C GLN A 233 32.56 4.59 3.70
N MET A 234 31.32 5.03 3.80
CA MET A 234 30.62 5.55 2.63
C MET A 234 30.70 7.06 2.68
N THR A 235 30.86 7.71 1.53
CA THR A 235 31.06 9.16 1.51
C THR A 235 29.97 9.87 0.71
N LYS A 236 29.86 11.18 0.93
CA LYS A 236 29.06 12.01 0.05
C LYS A 236 29.64 12.02 -1.36
N HIS A 237 28.78 11.85 -2.36
CA HIS A 237 29.20 11.84 -3.76
C HIS A 237 29.35 13.25 -4.34
N LEU A 238 30.49 13.49 -5.00
CA LEU A 238 30.80 14.68 -5.84
C LEU A 238 31.38 14.29 -7.19
N ARG A 239 31.08 15.09 -8.22
N ARG A 239 31.08 15.07 -8.23
CA ARG A 239 31.61 14.87 -9.57
CA ARG A 239 31.64 14.81 -9.57
C ARG A 239 33.15 14.74 -9.58
C ARG A 239 33.17 14.71 -9.55
N ARG A 240 33.81 15.59 -8.80
CA ARG A 240 35.28 15.58 -8.68
C ARG A 240 35.83 14.60 -7.67
N ARG A 241 34.97 14.16 -6.74
CA ARG A 241 35.38 13.18 -5.71
C ARG A 241 34.26 12.17 -5.57
N PRO A 242 34.33 11.07 -6.36
CA PRO A 242 33.28 10.05 -6.38
C PRO A 242 33.02 9.38 -5.03
N GLY A 243 31.73 9.11 -4.80
CA GLY A 243 31.27 8.65 -3.52
C GLY A 243 29.93 7.95 -3.63
N HIS A 244 29.31 7.78 -2.48
CA HIS A 244 28.19 6.83 -2.34
C HIS A 244 26.85 7.38 -1.96
N MET A 245 26.76 8.66 -1.65
CA MET A 245 25.49 9.23 -1.17
C MET A 245 25.15 10.55 -1.86
N THR A 246 23.85 10.71 -2.15
CA THR A 246 23.26 11.88 -2.78
C THR A 246 22.06 12.25 -1.92
N ALA A 247 21.97 13.53 -1.57
CA ALA A 247 20.97 13.99 -0.61
C ALA A 247 20.17 15.23 -1.08
N GLU A 248 18.90 15.24 -0.74
CA GLU A 248 18.11 16.41 -0.86
C GLU A 248 17.24 16.63 0.39
N HIS A 249 17.59 17.64 1.22
CA HIS A 249 16.84 18.03 2.43
C HIS A 249 15.60 18.81 2.02
N TYR A 250 14.45 18.56 2.63
CA TYR A 250 13.21 19.33 2.39
C TYR A 250 13.08 20.56 3.31
N TRP A 251 13.84 20.56 4.40
CA TRP A 251 14.02 21.74 5.25
C TRP A 251 15.32 21.69 6.06
N ALA B 5 -20.36 -23.93 21.48
CA ALA B 5 -18.97 -24.14 20.97
C ALA B 5 -17.93 -24.08 22.08
N ASP B 6 -17.19 -25.19 22.26
CA ASP B 6 -16.09 -25.18 23.20
C ASP B 6 -15.08 -24.08 22.91
N TRP B 7 -14.71 -23.37 23.97
CA TRP B 7 -13.97 -22.13 23.84
C TRP B 7 -12.73 -22.13 24.72
N VAL B 8 -11.83 -21.19 24.43
CA VAL B 8 -10.64 -20.94 25.23
C VAL B 8 -10.55 -19.43 25.55
N THR B 9 -9.73 -19.07 26.51
CA THR B 9 -9.54 -17.66 26.83
C THR B 9 -8.35 -17.12 26.04
N GLY B 10 -8.60 -16.11 25.21
CA GLY B 10 -7.54 -15.44 24.52
C GLY B 10 -7.14 -14.19 25.26
N LYS B 11 -5.90 -13.80 25.05
CA LYS B 11 -5.39 -12.55 25.58
C LYS B 11 -5.01 -11.65 24.40
N VAL B 12 -5.57 -10.46 24.35
CA VAL B 12 -5.20 -9.50 23.34
C VAL B 12 -3.73 -9.07 23.53
N THR B 13 -2.92 -9.19 22.49
CA THR B 13 -1.52 -8.80 22.56
C THR B 13 -1.25 -7.50 21.83
N LYS B 14 -2.10 -7.18 20.86
N LYS B 14 -2.12 -7.17 20.89
CA LYS B 14 -1.94 -5.97 20.05
CA LYS B 14 -1.97 -5.94 20.12
C LYS B 14 -3.30 -5.50 19.50
C LYS B 14 -3.30 -5.50 19.51
N VAL B 15 -3.44 -4.18 19.37
CA VAL B 15 -4.63 -3.61 18.71
C VAL B 15 -4.08 -2.54 17.81
N GLN B 16 -4.43 -2.62 16.52
CA GLN B 16 -4.03 -1.64 15.52
C GLN B 16 -5.29 -0.95 15.01
N ASN B 17 -5.40 0.36 15.26
CA ASN B 17 -6.48 1.15 14.72
C ASN B 17 -6.14 1.75 13.38
N TRP B 18 -6.65 1.14 12.32
CA TRP B 18 -6.35 1.61 10.98
C TRP B 18 -7.05 2.92 10.66
N THR B 19 -8.35 2.97 10.96
CA THR B 19 -9.18 4.17 10.70
C THR B 19 -10.18 4.31 11.86
N ASP B 20 -11.06 5.30 11.77
CA ASP B 20 -12.09 5.50 12.80
C ASP B 20 -13.00 4.27 12.96
N ALA B 21 -13.09 3.46 11.90
CA ALA B 21 -14.00 2.35 11.86
C ALA B 21 -13.26 1.02 11.69
N LEU B 22 -11.99 1.04 11.31
CA LEU B 22 -11.30 -0.23 11.04
C LEU B 22 -10.23 -0.55 12.04
N PHE B 23 -10.19 -1.82 12.46
CA PHE B 23 -9.14 -2.20 13.40
C PHE B 23 -8.73 -3.68 13.27
N SER B 24 -7.50 -4.02 13.68
CA SER B 24 -7.10 -5.42 13.79
C SER B 24 -6.67 -5.77 15.19
N LEU B 25 -7.27 -6.85 15.69
CA LEU B 25 -6.83 -7.48 16.93
C LEU B 25 -5.80 -8.56 16.70
N THR B 26 -4.82 -8.63 17.58
CA THR B 26 -3.94 -9.80 17.64
C THR B 26 -4.15 -10.44 19.01
N VAL B 27 -4.27 -11.76 19.01
CA VAL B 27 -4.67 -12.56 20.15
C VAL B 27 -3.76 -13.80 20.30
N HIS B 28 -3.38 -14.10 21.54
CA HIS B 28 -2.82 -15.41 21.86
C HIS B 28 -3.89 -16.28 22.53
N ALA B 29 -4.12 -17.47 21.99
CA ALA B 29 -5.14 -18.37 22.53
C ALA B 29 -4.82 -19.79 22.12
N PRO B 30 -5.10 -20.78 23.01
CA PRO B 30 -4.71 -22.18 22.74
C PRO B 30 -5.80 -22.90 21.92
N ILE B 31 -6.06 -22.35 20.74
CA ILE B 31 -7.00 -22.91 19.79
C ILE B 31 -6.44 -24.22 19.23
N ASN B 32 -7.32 -24.97 18.58
CA ASN B 32 -6.89 -26.16 17.86
C ASN B 32 -6.38 -25.76 16.47
N PRO B 33 -5.75 -26.69 15.75
CA PRO B 33 -5.26 -26.23 14.46
C PRO B 33 -6.41 -25.87 13.52
N PHE B 34 -6.20 -24.91 12.62
CA PHE B 34 -7.21 -24.50 11.64
C PHE B 34 -6.62 -24.53 10.22
N THR B 35 -7.51 -24.44 9.23
CA THR B 35 -7.14 -24.48 7.83
C THR B 35 -7.23 -23.06 7.36
N ALA B 36 -6.24 -22.61 6.59
CA ALA B 36 -6.21 -21.23 6.12
C ALA B 36 -7.47 -20.92 5.32
N GLY B 37 -8.16 -19.83 5.66
CA GLY B 37 -9.45 -19.57 5.04
C GLY B 37 -10.59 -19.67 6.05
N GLN B 38 -10.40 -20.39 7.15
CA GLN B 38 -11.47 -20.62 8.09
C GLN B 38 -11.67 -19.44 9.05
N PHE B 39 -12.77 -19.50 9.78
CA PHE B 39 -13.09 -18.53 10.85
C PHE B 39 -13.28 -19.17 12.21
N THR B 40 -13.20 -18.36 13.24
CA THR B 40 -13.62 -18.83 14.55
C THR B 40 -14.72 -17.89 15.01
N LYS B 41 -15.13 -18.00 16.27
CA LYS B 41 -15.96 -16.99 16.87
C LYS B 41 -15.27 -16.33 18.04
N LEU B 42 -15.48 -15.02 18.18
CA LEU B 42 -14.84 -14.28 19.27
C LEU B 42 -15.99 -13.87 20.15
N GLY B 43 -15.77 -13.76 21.46
CA GLY B 43 -16.93 -13.48 22.33
C GLY B 43 -16.58 -12.64 23.52
N LEU B 44 -17.55 -11.85 23.97
CA LEU B 44 -17.42 -11.06 25.21
C LEU B 44 -18.71 -11.18 26.02
N GLU B 45 -18.61 -10.85 27.30
CA GLU B 45 -19.80 -10.78 28.14
C GLU B 45 -20.37 -9.38 28.03
N ILE B 46 -21.65 -9.30 27.64
CA ILE B 46 -22.30 -8.00 27.51
C ILE B 46 -23.63 -8.05 28.27
N ASP B 47 -23.79 -7.12 29.22
CA ASP B 47 -24.90 -7.08 30.17
C ASP B 47 -25.26 -8.46 30.69
N GLY B 48 -24.26 -9.16 31.21
CA GLY B 48 -24.50 -10.43 31.89
C GLY B 48 -24.70 -11.64 31.01
N GLU B 49 -24.53 -11.48 29.69
CA GLU B 49 -24.68 -12.58 28.74
C GLU B 49 -23.54 -12.64 27.74
N ARG B 50 -23.22 -13.84 27.28
CA ARG B 50 -22.13 -14.09 26.34
C ARG B 50 -22.65 -13.85 24.94
N VAL B 51 -21.97 -12.96 24.23
CA VAL B 51 -22.32 -12.58 22.86
C VAL B 51 -21.10 -12.93 22.04
N GLN B 52 -21.35 -13.55 20.90
CA GLN B 52 -20.29 -13.90 19.97
C GLN B 52 -20.62 -13.75 18.48
N ARG B 53 -19.54 -13.61 17.67
CA ARG B 53 -19.69 -13.42 16.23
C ARG B 53 -18.54 -14.11 15.55
N ALA B 54 -18.72 -14.49 14.28
CA ALA B 54 -17.67 -15.15 13.47
C ALA B 54 -16.65 -14.12 12.99
N TYR B 55 -15.35 -14.47 13.07
CA TYR B 55 -14.25 -13.64 12.49
C TYR B 55 -13.23 -14.54 11.84
N SER B 56 -12.84 -14.19 10.63
CA SER B 56 -11.87 -14.95 9.86
C SER B 56 -10.46 -14.73 10.43
N TYR B 57 -9.69 -15.80 10.46
CA TYR B 57 -8.25 -15.66 10.73
C TYR B 57 -7.55 -14.94 9.57
N VAL B 58 -6.81 -13.87 9.86
CA VAL B 58 -5.92 -13.23 8.88
C VAL B 58 -4.54 -13.93 8.80
N ASN B 59 -4.11 -14.45 9.94
CA ASN B 59 -2.81 -15.13 10.04
C ASN B 59 -2.87 -16.53 9.41
N ALA B 60 -1.71 -16.95 8.95
CA ALA B 60 -1.46 -18.36 8.56
C ALA B 60 -1.64 -19.30 9.77
N PRO B 61 -2.08 -20.53 9.50
CA PRO B 61 -2.32 -21.47 10.56
C PRO B 61 -1.12 -21.71 11.53
N ASP B 62 0.12 -21.55 11.05
CA ASP B 62 1.33 -21.83 11.90
C ASP B 62 1.89 -20.61 12.61
N ASN B 63 1.18 -19.50 12.47
CA ASN B 63 1.51 -18.26 13.17
C ASN B 63 0.64 -18.14 14.43
N PRO B 64 1.24 -18.12 15.63
CA PRO B 64 0.47 -18.03 16.89
C PRO B 64 -0.12 -16.64 17.15
N ASN B 65 0.33 -15.65 16.40
CA ASN B 65 -0.33 -14.35 16.44
C ASN B 65 -1.63 -14.41 15.69
N LEU B 66 -2.71 -14.71 16.43
CA LEU B 66 -4.03 -14.87 15.84
C LEU B 66 -4.52 -13.45 15.52
N GLU B 67 -4.94 -13.21 14.28
CA GLU B 67 -5.17 -11.84 13.89
C GLU B 67 -6.53 -11.73 13.20
N PHE B 68 -7.28 -10.70 13.57
CA PHE B 68 -8.61 -10.53 13.06
C PHE B 68 -8.77 -9.10 12.61
N TYR B 69 -9.34 -8.95 11.45
CA TYR B 69 -9.48 -7.63 10.86
C TYR B 69 -10.95 -7.26 10.87
N LEU B 70 -11.29 -6.19 11.60
CA LEU B 70 -12.72 -5.88 11.87
C LEU B 70 -13.12 -4.51 11.46
N VAL B 71 -14.39 -4.40 11.11
CA VAL B 71 -14.99 -3.10 10.97
C VAL B 71 -15.92 -2.87 12.18
N THR B 72 -15.85 -1.65 12.74
CA THR B 72 -16.78 -1.27 13.82
C THR B 72 -18.11 -0.94 13.20
N VAL B 73 -19.07 -1.85 13.38
CA VAL B 73 -20.41 -1.55 12.95
C VAL B 73 -20.98 -0.58 13.99
N PRO B 74 -21.35 0.64 13.55
CA PRO B 74 -21.82 1.59 14.56
C PRO B 74 -23.03 1.07 15.32
N GLN B 75 -22.91 1.07 16.63
CA GLN B 75 -23.95 0.58 17.54
C GLN B 75 -24.24 -0.93 17.33
N GLY B 76 -23.27 -1.61 16.74
CA GLY B 76 -23.34 -3.09 16.59
C GLY B 76 -23.32 -3.66 17.99
N LYS B 77 -23.78 -4.88 18.18
CA LYS B 77 -23.81 -5.44 19.53
C LYS B 77 -22.37 -5.75 20.02
N LEU B 78 -21.59 -6.41 19.17
CA LEU B 78 -20.26 -6.91 19.63
C LEU B 78 -19.06 -6.14 19.06
N SER B 79 -19.13 -5.76 17.79
CA SER B 79 -17.92 -5.12 17.21
C SER B 79 -17.43 -3.84 17.95
N PRO B 80 -18.34 -2.94 18.41
CA PRO B 80 -17.83 -1.81 19.20
C PRO B 80 -17.15 -2.22 20.50
N ARG B 81 -17.59 -3.31 21.11
CA ARG B 81 -16.93 -3.79 22.34
C ARG B 81 -15.58 -4.46 22.04
N LEU B 82 -15.48 -5.14 20.90
CA LEU B 82 -14.17 -5.65 20.50
C LEU B 82 -13.23 -4.49 20.14
N ALA B 83 -13.76 -3.38 19.62
CA ALA B 83 -12.93 -2.22 19.25
C ALA B 83 -12.35 -1.57 20.50
N ALA B 84 -12.99 -1.81 21.66
CA ALA B 84 -12.57 -1.23 22.94
C ALA B 84 -11.50 -2.02 23.68
N LEU B 85 -11.20 -3.23 23.20
CA LEU B 85 -10.17 -4.04 23.87
C LEU B 85 -8.82 -3.39 23.78
N LYS B 86 -8.01 -3.64 24.79
CA LYS B 86 -6.66 -3.12 24.82
C LYS B 86 -5.74 -4.31 25.11
N PRO B 87 -4.45 -4.20 24.75
CA PRO B 87 -3.54 -5.33 25.03
C PRO B 87 -3.64 -5.76 26.47
N GLY B 88 -3.69 -7.07 26.72
CA GLY B 88 -3.88 -7.58 28.07
C GLY B 88 -5.29 -8.01 28.40
N ASP B 89 -6.28 -7.38 27.76
CA ASP B 89 -7.69 -7.74 27.94
C ASP B 89 -7.96 -9.17 27.48
N GLU B 90 -8.95 -9.83 28.08
CA GLU B 90 -9.30 -11.16 27.66
C GLU B 90 -10.40 -11.14 26.62
N VAL B 91 -10.38 -12.15 25.76
CA VAL B 91 -11.47 -12.35 24.80
C VAL B 91 -11.73 -13.87 24.63
N GLN B 92 -13.00 -14.24 24.49
CA GLN B 92 -13.34 -15.62 24.34
C GLN B 92 -13.14 -16.05 22.89
N VAL B 93 -12.51 -17.20 22.68
CA VAL B 93 -12.22 -17.70 21.31
C VAL B 93 -12.71 -19.14 21.20
N VAL B 94 -13.52 -19.47 20.20
CA VAL B 94 -13.92 -20.85 19.99
C VAL B 94 -12.72 -21.66 19.47
N SER B 95 -12.44 -22.80 20.09
CA SER B 95 -11.17 -23.48 19.78
C SER B 95 -11.15 -24.29 18.47
N ASP B 96 -12.31 -24.75 17.99
CA ASP B 96 -12.46 -25.40 16.68
C ASP B 96 -12.94 -24.41 15.64
N ALA B 97 -12.10 -24.21 14.63
CA ALA B 97 -12.43 -23.31 13.52
C ALA B 97 -13.50 -23.95 12.64
N SER B 98 -14.17 -23.10 11.88
CA SER B 98 -15.30 -23.49 11.01
C SER B 98 -15.05 -22.96 9.61
N GLY B 99 -15.74 -23.56 8.63
CA GLY B 99 -15.76 -22.96 7.30
C GLY B 99 -15.15 -23.81 6.21
N PHE B 100 -15.64 -23.60 5.01
CA PHE B 100 -15.21 -24.32 3.84
C PHE B 100 -14.57 -23.45 2.76
N PHE B 101 -14.19 -22.24 3.12
CA PHE B 101 -13.63 -21.28 2.16
C PHE B 101 -12.12 -21.49 2.25
N VAL B 102 -11.67 -22.62 1.72
CA VAL B 102 -10.33 -23.14 1.94
C VAL B 102 -9.82 -23.76 0.62
N LEU B 103 -8.51 -23.88 0.46
CA LEU B 103 -7.97 -24.33 -0.81
C LEU B 103 -8.29 -25.79 -1.10
N ASP B 104 -8.46 -26.63 -0.07
N ASP B 104 -8.43 -26.60 -0.04
CA ASP B 104 -8.84 -28.03 -0.33
CA ASP B 104 -8.91 -27.99 -0.15
C ASP B 104 -10.26 -28.15 -0.93
C ASP B 104 -10.22 -28.12 -0.94
N GLU B 105 -11.04 -27.07 -0.93
CA GLU B 105 -12.33 -27.08 -1.64
C GLU B 105 -12.32 -26.33 -2.97
N VAL B 106 -11.13 -25.90 -3.36
CA VAL B 106 -10.95 -25.18 -4.61
C VAL B 106 -10.35 -26.13 -5.65
N PRO B 107 -11.02 -26.27 -6.80
CA PRO B 107 -10.61 -27.18 -7.84
C PRO B 107 -9.41 -26.64 -8.59
N ASP B 108 -8.62 -27.52 -9.14
CA ASP B 108 -7.50 -27.09 -9.98
C ASP B 108 -8.00 -26.16 -11.09
N CYS B 109 -7.20 -25.14 -11.42
CA CYS B 109 -7.49 -24.17 -12.49
C CYS B 109 -6.21 -23.38 -12.81
N GLU B 110 -6.27 -22.59 -13.87
CA GLU B 110 -5.10 -21.82 -14.30
C GLU B 110 -4.90 -20.58 -13.45
N THR B 111 -5.99 -19.84 -13.23
CA THR B 111 -5.96 -18.58 -12.48
C THR B 111 -6.98 -18.65 -11.39
N LEU B 112 -6.50 -18.48 -10.17
CA LEU B 112 -7.39 -18.37 -9.04
C LEU B 112 -7.59 -16.90 -8.66
N TRP B 113 -8.82 -16.44 -8.84
CA TRP B 113 -9.25 -15.06 -8.51
C TRP B 113 -9.86 -15.05 -7.09
N MET B 114 -9.39 -14.11 -6.28
CA MET B 114 -9.82 -13.98 -4.91
C MET B 114 -10.39 -12.57 -4.79
N LEU B 115 -11.70 -12.48 -4.74
CA LEU B 115 -12.34 -11.16 -4.63
C LEU B 115 -12.86 -10.93 -3.20
N ALA B 116 -12.61 -9.74 -2.67
CA ALA B 116 -13.05 -9.38 -1.28
C ALA B 116 -13.44 -7.95 -1.19
N THR B 117 -14.54 -7.64 -0.46
CA THR B 117 -14.80 -6.28 -0.04
C THR B 117 -14.39 -6.08 1.41
N GLY B 118 -13.89 -4.89 1.70
CA GLY B 118 -13.69 -4.43 3.07
C GLY B 118 -12.89 -5.37 3.91
N THR B 119 -13.43 -5.80 5.04
CA THR B 119 -12.62 -6.64 5.91
C THR B 119 -12.55 -8.10 5.44
N ALA B 120 -13.25 -8.45 4.34
CA ALA B 120 -13.30 -9.87 3.95
C ALA B 120 -12.06 -10.37 3.22
N ILE B 121 -11.00 -9.57 3.24
CA ILE B 121 -9.71 -9.95 2.67
C ILE B 121 -9.00 -11.01 3.53
N GLY B 122 -9.40 -11.09 4.80
CA GLY B 122 -8.77 -11.97 5.80
C GLY B 122 -8.45 -13.40 5.34
N PRO B 123 -9.47 -14.14 4.87
CA PRO B 123 -9.17 -15.55 4.51
C PRO B 123 -8.08 -15.68 3.43
N TYR B 124 -8.05 -14.73 2.49
CA TYR B 124 -7.02 -14.75 1.44
C TYR B 124 -5.67 -14.47 1.98
N LEU B 125 -5.58 -13.53 2.94
CA LEU B 125 -4.30 -13.27 3.61
C LEU B 125 -3.78 -14.48 4.36
N SER B 126 -4.68 -15.24 4.96
CA SER B 126 -4.27 -16.47 5.69
C SER B 126 -3.71 -17.47 4.68
N ILE B 127 -4.47 -17.62 3.60
CA ILE B 127 -4.05 -18.59 2.55
C ILE B 127 -2.74 -18.19 1.92
N LEU B 128 -2.63 -16.91 1.53
CA LEU B 128 -1.39 -16.48 0.87
C LEU B 128 -0.16 -16.42 1.76
N GLN B 129 -0.34 -16.07 3.05
CA GLN B 129 0.80 -16.04 3.96
C GLN B 129 1.32 -17.45 4.23
N TYR B 130 0.43 -18.40 4.36
CA TYR B 130 0.81 -19.83 4.60
C TYR B 130 1.51 -20.38 3.37
N GLY B 131 0.97 -20.02 2.20
CA GLY B 131 1.66 -20.24 0.94
C GLY B 131 1.80 -21.69 0.55
N GLN B 132 0.90 -22.54 1.06
CA GLN B 132 0.89 -23.96 0.70
C GLN B 132 -0.25 -24.28 -0.26
N ASP B 133 -0.07 -25.38 -0.99
CA ASP B 133 -1.08 -25.83 -1.97
C ASP B 133 -1.37 -24.72 -2.99
N VAL B 134 -0.39 -23.90 -3.36
CA VAL B 134 -0.58 -22.89 -4.42
C VAL B 134 0.30 -23.18 -5.64
N ALA B 135 1.17 -24.19 -5.54
CA ALA B 135 1.99 -24.59 -6.68
C ALA B 135 1.12 -24.87 -7.90
N ARG B 136 -0.04 -25.49 -7.65
CA ARG B 136 -0.95 -25.91 -8.69
C ARG B 136 -1.64 -24.80 -9.51
N PHE B 137 -1.59 -23.56 -9.05
CA PHE B 137 -2.21 -22.43 -9.76
C PHE B 137 -1.15 -21.63 -10.54
N LYS B 138 -1.35 -21.45 -11.84
CA LYS B 138 -0.39 -20.67 -12.58
C LYS B 138 -0.42 -19.20 -12.14
N ASN B 139 -1.61 -18.68 -11.95
CA ASN B 139 -1.82 -17.30 -11.53
C ASN B 139 -2.66 -17.23 -10.25
N LEU B 140 -2.33 -16.26 -9.39
CA LEU B 140 -3.19 -15.86 -8.25
C LEU B 140 -3.47 -14.38 -8.35
N VAL B 141 -4.75 -14.00 -8.20
CA VAL B 141 -5.15 -12.60 -8.28
C VAL B 141 -5.97 -12.21 -7.05
N LEU B 142 -5.46 -11.24 -6.30
CA LEU B 142 -6.15 -10.77 -5.11
C LEU B 142 -6.73 -9.38 -5.36
N VAL B 143 -8.06 -9.26 -5.31
CA VAL B 143 -8.74 -7.97 -5.60
C VAL B 143 -9.36 -7.53 -4.28
N HIS B 144 -8.90 -6.38 -3.83
CA HIS B 144 -9.39 -5.82 -2.58
C HIS B 144 -10.19 -4.58 -2.93
N ALA B 145 -11.52 -4.68 -2.76
CA ALA B 145 -12.41 -3.55 -3.08
C ALA B 145 -12.85 -2.85 -1.77
N ALA B 146 -12.65 -1.54 -1.70
CA ALA B 146 -13.10 -0.80 -0.52
C ALA B 146 -13.65 0.53 -0.99
N ARG B 147 -14.19 1.30 -0.04
CA ARG B 147 -14.86 2.54 -0.47
C ARG B 147 -13.85 3.63 -0.72
N PHE B 148 -12.84 3.73 0.14
CA PHE B 148 -11.80 4.76 0.04
C PHE B 148 -10.44 4.13 0.16
N ALA B 149 -9.44 4.76 -0.45
CA ALA B 149 -8.04 4.26 -0.35
C ALA B 149 -7.60 4.15 1.08
N ALA B 150 -8.08 5.04 1.96
CA ALA B 150 -7.68 4.96 3.38
C ALA B 150 -8.13 3.65 4.06
N ASP B 151 -9.09 2.94 3.43
CA ASP B 151 -9.67 1.71 3.97
C ASP B 151 -8.82 0.44 3.56
N LEU B 152 -7.78 0.62 2.73
CA LEU B 152 -6.97 -0.55 2.24
C LEU B 152 -5.85 -0.93 3.21
N SER B 153 -6.23 -1.56 4.33
CA SER B 153 -5.36 -1.62 5.51
C SER B 153 -4.15 -2.53 5.36
N TYR B 154 -4.23 -3.48 4.43
CA TYR B 154 -3.20 -4.51 4.38
C TYR B 154 -2.31 -4.33 3.16
N LEU B 155 -2.31 -3.13 2.56
CA LEU B 155 -1.43 -2.88 1.41
C LEU B 155 0.06 -3.16 1.68
N PRO B 156 0.60 -2.74 2.85
CA PRO B 156 2.01 -3.12 3.02
C PRO B 156 2.24 -4.64 2.99
N LEU B 157 1.36 -5.40 3.64
CA LEU B 157 1.49 -6.85 3.59
C LEU B 157 1.31 -7.38 2.15
N MET B 158 0.36 -6.79 1.44
CA MET B 158 0.07 -7.23 0.06
C MET B 158 1.27 -6.99 -0.87
N LEU B 159 1.95 -5.88 -0.64
CA LEU B 159 3.16 -5.55 -1.37
C LEU B 159 4.24 -6.58 -1.03
N GLU B 160 4.33 -6.95 0.25
N GLU B 160 4.35 -6.96 0.25
CA GLU B 160 5.33 -7.94 0.65
CA GLU B 160 5.39 -7.95 0.59
C GLU B 160 5.05 -9.26 -0.03
C GLU B 160 5.06 -9.29 -0.07
N LEU B 161 3.77 -9.64 -0.06
CA LEU B 161 3.30 -10.88 -0.65
C LEU B 161 3.57 -10.82 -2.15
N GLN B 162 3.25 -9.71 -2.78
CA GLN B 162 3.45 -9.63 -4.22
C GLN B 162 4.93 -9.83 -4.57
N GLN B 163 5.82 -9.25 -3.77
CA GLN B 163 7.24 -9.40 -4.01
C GLN B 163 7.65 -10.87 -3.87
N ARG B 164 7.23 -11.52 -2.79
N ARG B 164 7.23 -11.53 -2.79
CA ARG B 164 7.73 -12.90 -2.55
CA ARG B 164 7.73 -12.90 -2.55
C ARG B 164 7.20 -13.95 -3.52
C ARG B 164 7.19 -13.95 -3.51
N TYR B 165 6.01 -13.68 -4.09
CA TYR B 165 5.37 -14.59 -5.05
C TYR B 165 5.98 -14.50 -6.46
N GLU B 166 6.98 -13.60 -6.64
CA GLU B 166 7.79 -13.54 -7.85
C GLU B 166 7.01 -13.44 -9.16
N GLY B 167 5.83 -12.81 -9.12
CA GLY B 167 5.05 -12.55 -10.31
C GLY B 167 3.83 -13.45 -10.42
N LYS B 168 3.82 -14.54 -9.64
CA LYS B 168 2.63 -15.40 -9.61
C LYS B 168 1.39 -14.68 -9.08
N LEU B 169 1.58 -13.84 -8.06
CA LEU B 169 0.46 -13.14 -7.42
C LEU B 169 0.36 -11.74 -7.97
N ARG B 170 -0.86 -11.38 -8.34
CA ARG B 170 -1.18 -10.00 -8.81
C ARG B 170 -2.16 -9.43 -7.84
N ILE B 171 -1.86 -8.24 -7.34
CA ILE B 171 -2.68 -7.56 -6.36
C ILE B 171 -3.41 -6.43 -7.09
N GLN B 172 -4.71 -6.37 -6.92
CA GLN B 172 -5.45 -5.24 -7.57
C GLN B 172 -6.34 -4.55 -6.55
N THR B 173 -6.19 -3.24 -6.40
CA THR B 173 -7.07 -2.50 -5.49
C THR B 173 -8.19 -1.86 -6.32
N VAL B 174 -9.35 -1.75 -5.70
CA VAL B 174 -10.52 -1.16 -6.31
C VAL B 174 -11.08 -0.21 -5.24
N VAL B 175 -11.36 1.05 -5.59
CA VAL B 175 -11.92 2.00 -4.63
C VAL B 175 -13.17 2.56 -5.33
N SER B 176 -14.31 2.58 -4.65
CA SER B 176 -15.56 2.90 -5.35
C SER B 176 -15.78 4.40 -5.43
N ARG B 177 -15.22 5.11 -4.46
N ARG B 177 -15.25 5.11 -4.44
CA ARG B 177 -15.66 6.46 -4.24
CA ARG B 177 -15.66 6.48 -4.26
C ARG B 177 -14.62 7.52 -4.52
C ARG B 177 -14.70 7.53 -4.75
N GLU B 178 -13.48 7.13 -5.07
CA GLU B 178 -12.47 8.10 -5.55
C GLU B 178 -11.50 7.51 -6.58
N ASN B 179 -10.59 8.37 -7.07
CA ASN B 179 -9.61 8.01 -8.09
C ASN B 179 -8.20 8.14 -7.55
N VAL B 180 -7.51 7.02 -7.43
CA VAL B 180 -6.25 6.94 -6.74
C VAL B 180 -5.23 6.32 -7.70
N PRO B 181 -4.04 6.93 -7.82
CA PRO B 181 -3.08 6.39 -8.81
C PRO B 181 -2.73 4.94 -8.48
N GLY B 182 -2.86 4.07 -9.47
CA GLY B 182 -2.57 2.67 -9.25
C GLY B 182 -3.77 1.88 -8.76
N SER B 183 -4.93 2.52 -8.64
N SER B 183 -4.93 2.52 -8.71
CA SER B 183 -6.15 1.82 -8.28
CA SER B 183 -6.13 1.85 -8.25
C SER B 183 -7.17 1.93 -9.39
C SER B 183 -7.24 2.00 -9.28
N LEU B 184 -8.09 0.98 -9.40
N LEU B 184 -8.03 0.95 -9.44
CA LEU B 184 -9.22 0.98 -10.30
CA LEU B 184 -9.23 0.99 -10.27
C LEU B 184 -10.45 1.52 -9.58
C LEU B 184 -10.37 1.64 -9.52
N THR B 185 -11.17 2.43 -10.22
CA THR B 185 -12.33 3.05 -9.58
C THR B 185 -13.60 2.33 -9.95
N GLY B 186 -14.40 2.02 -8.95
CA GLY B 186 -15.70 1.43 -9.19
C GLY B 186 -16.10 0.30 -8.25
N ARG B 187 -17.04 -0.51 -8.72
CA ARG B 187 -17.54 -1.67 -7.98
C ARG B 187 -17.25 -2.93 -8.75
N VAL B 188 -16.98 -4.02 -8.03
CA VAL B 188 -16.47 -5.22 -8.65
C VAL B 188 -17.37 -5.73 -9.79
N PRO B 189 -18.69 -5.90 -9.56
CA PRO B 189 -19.48 -6.46 -10.69
C PRO B 189 -19.40 -5.60 -11.96
N ALA B 190 -19.57 -4.28 -11.83
CA ALA B 190 -19.47 -3.41 -13.02
C ALA B 190 -18.08 -3.52 -13.70
N LEU B 191 -17.01 -3.68 -12.93
CA LEU B 191 -15.66 -3.72 -13.49
C LEU B 191 -15.33 -5.05 -14.16
N ILE B 192 -16.02 -6.11 -13.76
CA ILE B 192 -15.93 -7.41 -14.44
C ILE B 192 -16.63 -7.26 -15.79
N GLU B 193 -17.89 -6.83 -15.72
N GLU B 193 -17.88 -6.82 -15.72
CA GLU B 193 -18.74 -6.69 -16.89
CA GLU B 193 -18.73 -6.69 -16.89
C GLU B 193 -18.14 -5.85 -18.01
C GLU B 193 -18.15 -5.84 -18.01
N ASN B 194 -17.47 -4.75 -17.66
CA ASN B 194 -16.92 -3.81 -18.67
C ASN B 194 -15.47 -4.05 -19.06
N GLY B 195 -14.90 -5.16 -18.60
CA GLY B 195 -13.52 -5.55 -18.96
C GLY B 195 -12.38 -4.81 -18.22
N GLU B 196 -12.71 -3.83 -17.39
CA GLU B 196 -11.70 -3.03 -16.69
C GLU B 196 -10.81 -3.79 -15.70
N LEU B 197 -11.46 -4.64 -14.89
CA LEU B 197 -10.76 -5.43 -13.89
C LEU B 197 -9.78 -6.36 -14.60
N GLU B 198 -10.24 -7.03 -15.67
CA GLU B 198 -9.43 -7.94 -16.41
C GLU B 198 -8.30 -7.19 -17.12
N LYS B 199 -8.61 -6.00 -17.62
CA LYS B 199 -7.61 -5.13 -18.21
C LYS B 199 -6.56 -4.70 -17.18
N ALA B 200 -7.01 -4.28 -16.01
CA ALA B 200 -6.12 -3.79 -14.96
C ALA B 200 -5.23 -4.94 -14.47
N VAL B 201 -5.82 -6.09 -14.21
CA VAL B 201 -5.06 -7.29 -13.78
C VAL B 201 -4.13 -7.88 -14.83
N GLY B 202 -4.57 -7.89 -16.10
CA GLY B 202 -3.84 -8.49 -17.20
C GLY B 202 -4.12 -9.94 -17.52
N LEU B 203 -5.21 -10.46 -16.98
CA LEU B 203 -5.62 -11.86 -17.13
C LEU B 203 -7.14 -11.92 -17.24
N PRO B 204 -7.62 -12.91 -18.03
CA PRO B 204 -9.09 -13.07 -18.22
C PRO B 204 -9.77 -13.80 -17.05
N MET B 205 -11.06 -13.52 -16.86
CA MET B 205 -11.88 -14.27 -15.91
C MET B 205 -12.94 -15.03 -16.72
N ASP B 206 -12.73 -16.34 -16.87
CA ASP B 206 -13.60 -17.15 -17.73
C ASP B 206 -13.63 -18.60 -17.29
N LYS B 207 -14.55 -19.39 -17.86
CA LYS B 207 -14.81 -20.74 -17.38
C LYS B 207 -13.71 -21.69 -17.79
N GLU B 208 -12.93 -21.33 -18.81
CA GLU B 208 -11.83 -22.19 -19.26
C GLU B 208 -10.63 -22.12 -18.33
N THR B 209 -10.35 -20.92 -17.80
CA THR B 209 -9.11 -20.68 -17.11
C THR B 209 -9.27 -20.46 -15.61
N SER B 210 -10.47 -20.06 -15.18
CA SER B 210 -10.57 -19.42 -13.86
C SER B 210 -11.33 -20.21 -12.78
N HIS B 211 -10.98 -19.98 -11.51
CA HIS B 211 -11.92 -20.21 -10.44
C HIS B 211 -12.02 -18.87 -9.74
N VAL B 212 -13.19 -18.56 -9.23
CA VAL B 212 -13.37 -17.27 -8.55
C VAL B 212 -13.87 -17.51 -7.13
N MET B 213 -13.10 -17.02 -6.15
CA MET B 213 -13.54 -17.00 -4.76
C MET B 213 -14.11 -15.61 -4.49
N LEU B 214 -15.20 -15.56 -3.74
CA LEU B 214 -15.89 -14.28 -3.44
C LEU B 214 -16.22 -14.25 -1.96
N CYS B 215 -15.83 -13.16 -1.27
CA CYS B 215 -15.92 -13.03 0.18
C CYS B 215 -16.34 -11.62 0.57
N GLY B 216 -17.32 -11.51 1.47
CA GLY B 216 -17.62 -10.24 2.11
C GLY B 216 -19.06 -9.82 1.92
N ASN B 217 -19.28 -8.61 1.39
CA ASN B 217 -20.62 -8.05 1.27
C ASN B 217 -21.53 -8.92 0.39
N PRO B 218 -22.72 -9.32 0.91
CA PRO B 218 -23.57 -10.26 0.15
C PRO B 218 -24.08 -9.70 -1.17
N GLN B 219 -24.18 -8.39 -1.26
CA GLN B 219 -24.54 -7.78 -2.51
C GLN B 219 -23.43 -7.94 -3.55
N MET B 220 -22.17 -7.68 -3.18
CA MET B 220 -21.04 -7.95 -4.10
C MET B 220 -21.05 -9.42 -4.51
N VAL B 221 -21.21 -10.32 -3.55
CA VAL B 221 -21.11 -11.76 -3.79
C VAL B 221 -22.23 -12.25 -4.76
N ARG B 222 -23.48 -11.94 -4.42
N ARG B 222 -23.47 -11.92 -4.39
CA ARG B 222 -24.59 -12.38 -5.27
CA ARG B 222 -24.67 -12.27 -5.17
C ARG B 222 -24.69 -11.70 -6.65
C ARG B 222 -24.65 -11.70 -6.59
N ASP B 223 -24.50 -10.37 -6.71
CA ASP B 223 -24.42 -9.69 -8.02
C ASP B 223 -23.32 -10.24 -8.93
N THR B 224 -22.14 -10.48 -8.35
CA THR B 224 -21.05 -11.03 -9.15
C THR B 224 -21.31 -12.46 -9.63
N GLN B 225 -21.81 -13.30 -8.73
CA GLN B 225 -22.20 -14.65 -9.11
C GLN B 225 -23.27 -14.66 -10.20
N GLN B 226 -24.22 -13.74 -10.12
N GLN B 226 -24.21 -13.74 -10.10
CA GLN B 226 -25.25 -13.71 -11.14
CA GLN B 226 -25.28 -13.66 -11.11
C GLN B 226 -24.67 -13.30 -12.49
C GLN B 226 -24.68 -13.28 -12.47
N LEU B 227 -23.80 -12.29 -12.49
CA LEU B 227 -23.18 -11.80 -13.72
C LEU B 227 -22.37 -12.90 -14.43
N LEU B 228 -21.59 -13.63 -13.66
CA LEU B 228 -20.66 -14.59 -14.23
C LEU B 228 -21.42 -15.79 -14.81
N LYS B 229 -22.51 -16.17 -14.13
CA LYS B 229 -23.46 -17.19 -14.61
C LYS B 229 -24.07 -16.76 -15.95
N GLU B 230 -24.77 -15.63 -15.94
CA GLU B 230 -25.50 -15.19 -17.13
C GLU B 230 -24.60 -14.87 -18.31
N THR B 231 -23.41 -14.39 -18.00
CA THR B 231 -22.56 -13.71 -18.96
C THR B 231 -21.40 -14.61 -19.42
N ARG B 232 -20.95 -15.52 -18.54
CA ARG B 232 -19.75 -16.31 -18.81
C ARG B 232 -19.92 -17.79 -18.56
N GLN B 233 -21.18 -18.20 -18.36
CA GLN B 233 -21.51 -19.63 -18.16
C GLN B 233 -20.70 -20.26 -17.02
N MET B 234 -20.39 -19.44 -16.04
CA MET B 234 -19.68 -19.89 -14.86
C MET B 234 -20.72 -20.20 -13.81
N THR B 235 -20.48 -21.25 -13.03
CA THR B 235 -21.47 -21.76 -12.10
C THR B 235 -20.91 -21.88 -10.69
N LYS B 236 -21.81 -21.96 -9.71
CA LYS B 236 -21.37 -22.23 -8.34
C LYS B 236 -20.75 -23.62 -8.25
N HIS B 237 -19.58 -23.71 -7.63
CA HIS B 237 -18.91 -24.99 -7.49
C HIS B 237 -19.45 -25.88 -6.35
N LEU B 238 -19.69 -27.15 -6.64
CA LEU B 238 -20.02 -28.20 -5.63
C LEU B 238 -19.20 -29.47 -5.91
N ARG B 239 -18.86 -30.23 -4.87
CA ARG B 239 -18.24 -31.58 -5.07
C ARG B 239 -18.98 -32.44 -6.10
N ARG B 240 -20.31 -32.43 -6.03
CA ARG B 240 -21.15 -33.25 -6.94
C ARG B 240 -21.48 -32.63 -8.30
N ARG B 241 -21.26 -31.30 -8.42
CA ARG B 241 -21.55 -30.53 -9.63
C ARG B 241 -20.46 -29.50 -9.73
N PRO B 242 -19.27 -29.93 -10.22
CA PRO B 242 -18.09 -29.06 -10.26
C PRO B 242 -18.35 -27.82 -11.07
N GLY B 243 -17.91 -26.70 -10.52
CA GLY B 243 -18.14 -25.38 -11.12
C GLY B 243 -17.00 -24.42 -10.92
N HIS B 244 -17.31 -23.11 -10.95
CA HIS B 244 -16.27 -22.10 -11.10
C HIS B 244 -16.17 -21.09 -9.96
N MET B 245 -17.14 -21.12 -9.03
CA MET B 245 -17.24 -20.03 -8.04
C MET B 245 -17.44 -20.57 -6.63
N THR B 246 -16.63 -20.09 -5.70
CA THR B 246 -16.74 -20.42 -4.29
C THR B 246 -17.06 -19.09 -3.54
N ALA B 247 -17.97 -19.15 -2.58
CA ALA B 247 -18.44 -17.93 -1.89
C ALA B 247 -18.47 -18.08 -0.35
N GLU B 248 -18.18 -16.98 0.34
CA GLU B 248 -18.47 -16.81 1.75
C GLU B 248 -18.95 -15.37 2.04
N HIS B 249 -20.25 -15.23 2.33
CA HIS B 249 -20.83 -13.95 2.75
C HIS B 249 -20.48 -13.64 4.22
N TYR B 250 -20.30 -12.36 4.52
CA TYR B 250 -20.02 -11.91 5.90
C TYR B 250 -21.29 -11.50 6.65
N TRP B 251 -22.40 -11.35 5.94
CA TRP B 251 -23.68 -11.15 6.59
C TRP B 251 -24.82 -11.44 5.63
#